data_6ZR6
#
_entry.id   6ZR6
#
_cell.length_a   91.102
_cell.length_b   91.102
_cell.length_c   132.098
_cell.angle_alpha   90.000
_cell.angle_beta   90.000
_cell.angle_gamma   90.000
#
_symmetry.space_group_name_H-M   'I 4 2 2'
#
loop_
_entity.id
_entity.type
_entity.pdbx_description
1 polymer '17-beta-hydroxysteroid dehydrogenase 14'
2 non-polymer beta-D-glucopyranose
3 non-polymer NICOTINAMIDE-ADENINE-DINUCLEOTIDE
4 non-polymer 'SODIUM ION'
5 non-polymer [6-(3,4-dihydroxyphenyl)pyridin-2-yl](4-fluoro-3-hydroxyphenyl)methanone
6 water water
#
_entity_poly.entity_id   1
_entity_poly.type   'polypeptide(L)'
_entity_poly.pdbx_seq_one_letter_code
;MATGTRYAGKVVVVTGGGRGIGAGIVRAFVNSGARVVICDKDESGGRALEQELPGAVFILCDVTQEDDVKTLVSETIRRF
GRLDCVVNNAGHHPPPQRPEETSAQGFRQLLELNLLGTYTLTKLALPYLRKSQGNVINISSLVGAIGQAQAVPYVATKGA
VTAMTKALALDESPYGVRVNCISPGNIWTPLWEELAALMPDPRASIREGMLAQPLGRMGQPAEVGAAAVFLASEANFCTG
IELLVTGGAELGYGCKASRSTPVDAPDIPS
;
_entity_poly.pdbx_strand_id   A
#
loop_
_chem_comp.id
_chem_comp.type
_chem_comp.name
_chem_comp.formula
BGC D-saccharide, beta linking beta-D-glucopyranose 'C6 H12 O6'
F45 non-polymer [6-(3,4-dihydroxyphenyl)pyridin-2-yl](4-fluoro-3-hydroxyphenyl)methanone 'C18 H12 F N O4'
NA non-polymer 'SODIUM ION' 'Na 1'
NAD non-polymer NICOTINAMIDE-ADENINE-DINUCLEOTIDE 'C21 H27 N7 O14 P2'
#
# COMPACT_ATOMS: atom_id res chain seq x y z
N THR A 5 1.55 -0.97 22.88
CA THR A 5 1.64 0.41 23.38
C THR A 5 2.44 1.35 22.44
N ARG A 6 3.07 0.79 21.41
CA ARG A 6 4.01 1.55 20.59
C ARG A 6 3.32 2.68 19.82
N TYR A 7 2.03 2.54 19.53
CA TYR A 7 1.27 3.58 18.82
C TYR A 7 -0.05 3.81 19.51
N ALA A 8 -0.05 3.71 20.84
CA ALA A 8 -1.28 3.85 21.60
C ALA A 8 -1.82 5.27 21.51
N GLY A 9 -3.14 5.40 21.50
CA GLY A 9 -3.79 6.69 21.44
C GLY A 9 -3.83 7.31 20.05
N LYS A 10 -3.27 6.65 19.05
CA LYS A 10 -3.21 7.18 17.69
C LYS A 10 -4.33 6.60 16.83
N VAL A 11 -4.67 7.33 15.77
CA VAL A 11 -5.75 6.96 14.86
C VAL A 11 -5.16 6.84 13.46
N VAL A 12 -5.41 5.70 12.82
CA VAL A 12 -4.80 5.34 11.54
C VAL A 12 -5.91 4.99 10.56
N VAL A 13 -5.80 5.49 9.33
CA VAL A 13 -6.68 5.08 8.23
C VAL A 13 -5.86 4.21 7.28
N VAL A 14 -6.38 3.03 6.94
CA VAL A 14 -5.74 2.13 5.98
C VAL A 14 -6.71 1.92 4.81
N THR A 15 -6.29 2.34 3.61
CA THR A 15 -7.14 2.08 2.45
C THR A 15 -6.90 0.69 1.88
N GLY A 16 -7.93 0.13 1.26
CA GLY A 16 -7.87 -1.27 0.85
C GLY A 16 -7.52 -2.21 1.97
N GLY A 17 -8.03 -1.93 3.18
CA GLY A 17 -7.65 -2.71 4.33
C GLY A 17 -8.44 -3.98 4.54
N GLY A 18 -9.33 -4.35 3.60
CA GLY A 18 -10.21 -5.49 3.83
C GLY A 18 -9.58 -6.86 3.64
N ARG A 19 -8.45 -6.93 2.94
CA ARG A 19 -7.78 -8.20 2.68
C ARG A 19 -6.32 -7.90 2.31
N GLY A 20 -5.54 -8.97 2.20
CA GLY A 20 -4.20 -8.85 1.65
C GLY A 20 -3.28 -8.01 2.53
N ILE A 21 -2.40 -7.25 1.87
CA ILE A 21 -1.45 -6.40 2.57
C ILE A 21 -2.17 -5.43 3.48
N GLY A 22 -3.25 -4.82 2.98
CA GLY A 22 -3.98 -3.85 3.79
C GLY A 22 -4.47 -4.43 5.09
N ALA A 23 -5.04 -5.64 5.05
CA ALA A 23 -5.50 -6.28 6.28
C ALA A 23 -4.33 -6.55 7.22
N GLY A 24 -3.17 -6.94 6.68
CA GLY A 24 -2.00 -7.13 7.52
C GLY A 24 -1.55 -5.84 8.19
N ILE A 25 -1.65 -4.73 7.47
CA ILE A 25 -1.32 -3.43 8.05
C ILE A 25 -2.32 -3.06 9.14
N VAL A 26 -3.62 -3.28 8.89
CA VAL A 26 -4.63 -3.04 9.92
C VAL A 26 -4.30 -3.81 11.19
N ARG A 27 -4.03 -5.12 11.04
CA ARG A 27 -3.73 -5.94 12.21
C ARG A 27 -2.50 -5.43 12.95
N ALA A 28 -1.45 -5.06 12.22
CA ALA A 28 -0.24 -4.58 12.87
C ALA A 28 -0.49 -3.32 13.68
N PHE A 29 -1.28 -2.39 13.13
CA PHE A 29 -1.56 -1.16 13.88
C PHE A 29 -2.45 -1.42 15.10
N VAL A 30 -3.47 -2.29 14.96
CA VAL A 30 -4.29 -2.62 16.13
C VAL A 30 -3.41 -3.24 17.23
N ASN A 31 -2.49 -4.12 16.85
CA ASN A 31 -1.61 -4.76 17.82
C ASN A 31 -0.66 -3.77 18.47
N SER A 32 -0.42 -2.62 17.84
N SER A 32 -0.41 -2.63 17.83
CA SER A 32 0.42 -1.58 18.41
CA SER A 32 0.43 -1.58 18.39
C SER A 32 -0.37 -0.57 19.22
C SER A 32 -0.34 -0.63 19.31
N GLY A 33 -1.65 -0.82 19.46
CA GLY A 33 -2.47 0.02 20.33
C GLY A 33 -3.24 1.12 19.64
N ALA A 34 -3.20 1.19 18.32
CA ALA A 34 -3.89 2.25 17.59
C ALA A 34 -5.34 1.86 17.34
N ARG A 35 -6.17 2.89 17.15
CA ARG A 35 -7.49 2.69 16.56
C ARG A 35 -7.36 2.85 15.05
N VAL A 36 -8.01 1.94 14.31
CA VAL A 36 -7.81 1.85 12.86
C VAL A 36 -9.16 1.96 12.15
N VAL A 37 -9.22 2.82 11.13
CA VAL A 37 -10.34 2.90 10.22
C VAL A 37 -9.96 2.11 8.98
N ILE A 38 -10.71 1.04 8.70
CA ILE A 38 -10.52 0.22 7.51
C ILE A 38 -11.37 0.81 6.41
N CYS A 39 -10.72 1.29 5.35
CA CYS A 39 -11.42 1.73 4.14
C CYS A 39 -11.31 0.64 3.09
N ASP A 40 -12.43 0.31 2.46
CA ASP A 40 -12.39 -0.59 1.31
C ASP A 40 -13.63 -0.36 0.47
N LYS A 41 -13.49 -0.59 -0.85
CA LYS A 41 -14.63 -0.52 -1.75
C LYS A 41 -15.52 -1.75 -1.66
N ASP A 42 -15.01 -2.85 -1.10
N ASP A 42 -15.02 -2.84 -1.07
CA ASP A 42 -15.76 -4.07 -0.91
CA ASP A 42 -15.77 -4.07 -0.91
C ASP A 42 -16.07 -4.26 0.57
C ASP A 42 -16.06 -4.31 0.56
N GLU A 43 -17.31 -4.70 0.84
CA GLU A 43 -17.78 -4.85 2.21
C GLU A 43 -17.25 -6.11 2.88
N SER A 44 -17.03 -7.18 2.12
CA SER A 44 -16.94 -8.52 2.70
C SER A 44 -15.81 -8.63 3.73
N GLY A 45 -14.57 -8.40 3.29
CA GLY A 45 -13.44 -8.59 4.17
C GLY A 45 -13.40 -7.57 5.29
N GLY A 46 -13.62 -6.29 4.96
CA GLY A 46 -13.48 -5.23 5.94
C GLY A 46 -14.53 -5.29 7.03
N ARG A 47 -15.76 -5.68 6.70
CA ARG A 47 -16.78 -5.81 7.73
C ARG A 47 -16.44 -6.90 8.71
N ALA A 48 -15.93 -8.04 8.20
CA ALA A 48 -15.54 -9.12 9.09
C ALA A 48 -14.37 -8.70 9.98
N LEU A 49 -13.43 -7.93 9.43
CA LEU A 49 -12.27 -7.48 10.20
C LEU A 49 -12.70 -6.57 11.32
N GLU A 50 -13.68 -5.69 11.06
CA GLU A 50 -14.19 -4.82 12.12
C GLU A 50 -14.81 -5.63 13.25
N GLN A 51 -15.54 -6.70 12.92
CA GLN A 51 -16.10 -7.55 13.98
C GLN A 51 -15.01 -8.25 14.75
N GLU A 52 -13.94 -8.65 14.07
CA GLU A 52 -12.88 -9.43 14.69
C GLU A 52 -12.01 -8.57 15.60
N LEU A 53 -11.73 -7.33 15.21
CA LEU A 53 -10.72 -6.52 15.90
C LEU A 53 -11.35 -5.40 16.70
N PRO A 54 -11.35 -5.49 18.03
N PRO A 54 -11.20 -5.40 18.03
CA PRO A 54 -11.69 -4.31 18.82
CA PRO A 54 -11.83 -4.32 18.84
C PRO A 54 -10.66 -3.22 18.56
C PRO A 54 -11.46 -2.91 18.40
N GLY A 55 -11.15 -2.02 18.31
N GLY A 55 -10.19 -2.66 18.11
CA GLY A 55 -10.32 -0.91 17.90
CA GLY A 55 -9.72 -1.34 17.80
C GLY A 55 -10.34 -0.63 16.42
C GLY A 55 -9.94 -0.87 16.38
N ALA A 56 -10.72 -1.60 15.58
CA ALA A 56 -10.89 -1.35 14.15
C ALA A 56 -12.37 -1.20 13.80
N VAL A 57 -12.65 -0.25 12.90
CA VAL A 57 -13.98 -0.06 12.35
C VAL A 57 -13.88 0.02 10.83
N PHE A 58 -14.98 -0.30 10.16
CA PHE A 58 -15.01 -0.35 8.70
C PHE A 58 -15.83 0.79 8.13
N ILE A 59 -15.28 1.50 7.15
CA ILE A 59 -16.00 2.52 6.40
C ILE A 59 -15.91 2.19 4.93
N LEU A 60 -17.05 1.96 4.29
CA LEU A 60 -17.09 1.71 2.86
C LEU A 60 -16.67 2.96 2.12
N CYS A 61 -15.66 2.84 1.27
CA CYS A 61 -15.09 4.01 0.59
C CYS A 61 -14.29 3.53 -0.60
N ASP A 62 -14.65 4.04 -1.78
CA ASP A 62 -13.90 3.83 -3.01
C ASP A 62 -12.97 5.03 -3.16
N VAL A 63 -11.65 4.80 -3.09
CA VAL A 63 -10.70 5.91 -3.10
C VAL A 63 -10.69 6.70 -4.40
N THR A 64 -11.30 6.17 -5.48
CA THR A 64 -11.40 6.92 -6.72
C THR A 64 -12.59 7.88 -6.72
N GLN A 65 -13.43 7.85 -5.70
CA GLN A 65 -14.60 8.71 -5.62
C GLN A 65 -14.33 9.80 -4.58
N GLU A 66 -14.15 11.04 -5.05
CA GLU A 66 -13.70 12.11 -4.17
C GLU A 66 -14.63 12.30 -2.98
N ASP A 67 -15.94 12.14 -3.19
CA ASP A 67 -16.89 12.35 -2.10
C ASP A 67 -16.84 11.19 -1.09
N ASP A 68 -16.58 9.97 -1.55
CA ASP A 68 -16.32 8.87 -0.61
C ASP A 68 -15.15 9.22 0.31
N VAL A 69 -14.09 9.77 -0.27
CA VAL A 69 -12.89 10.04 0.52
C VAL A 69 -13.10 11.21 1.47
N LYS A 70 -13.83 12.24 1.02
CA LYS A 70 -14.19 13.34 1.91
C LYS A 70 -14.94 12.81 3.13
N THR A 71 -15.92 11.93 2.91
CA THR A 71 -16.69 11.36 4.00
C THR A 71 -15.84 10.45 4.88
N LEU A 72 -14.91 9.71 4.28
CA LEU A 72 -13.97 8.90 5.05
C LEU A 72 -13.23 9.75 6.07
N VAL A 73 -12.69 10.88 5.63
CA VAL A 73 -11.93 11.74 6.55
C VAL A 73 -12.86 12.38 7.58
N SER A 74 -13.99 12.93 7.14
CA SER A 74 -14.87 13.61 8.09
C SER A 74 -15.42 12.62 9.12
N GLU A 75 -15.73 11.38 8.69
CA GLU A 75 -16.22 10.38 9.63
C GLU A 75 -15.13 9.94 10.61
N THR A 76 -13.89 9.82 10.14
CA THR A 76 -12.80 9.46 11.05
C THR A 76 -12.64 10.51 12.14
N ILE A 77 -12.68 11.79 11.76
CA ILE A 77 -12.55 12.88 12.74
C ILE A 77 -13.77 12.91 13.66
N ARG A 78 -14.97 12.74 13.10
CA ARG A 78 -16.18 12.77 13.91
C ARG A 78 -16.18 11.66 14.95
N ARG A 79 -15.70 10.48 14.58
CA ARG A 79 -15.78 9.33 15.46
C ARG A 79 -14.60 9.20 16.41
N PHE A 80 -13.41 9.68 16.02
CA PHE A 80 -12.22 9.45 16.82
C PHE A 80 -11.47 10.71 17.24
N GLY A 81 -11.81 11.87 16.67
CA GLY A 81 -11.31 13.13 17.19
C GLY A 81 -9.91 13.54 16.75
N ARG A 82 -9.23 12.73 15.95
CA ARG A 82 -7.88 13.04 15.50
C ARG A 82 -7.52 12.07 14.38
N LEU A 83 -6.44 12.39 13.68
CA LEU A 83 -5.92 11.51 12.62
C LEU A 83 -4.41 11.63 12.62
N ASP A 84 -3.73 10.49 12.81
CA ASP A 84 -2.29 10.45 12.98
C ASP A 84 -1.53 9.83 11.81
N CYS A 85 -2.16 8.93 11.06
CA CYS A 85 -1.43 8.24 10.01
C CYS A 85 -2.42 7.80 8.94
N VAL A 86 -2.04 8.02 7.68
CA VAL A 86 -2.80 7.52 6.54
C VAL A 86 -1.90 6.53 5.82
N VAL A 87 -2.40 5.31 5.61
CA VAL A 87 -1.69 4.29 4.85
C VAL A 87 -2.44 4.10 3.54
N ASN A 88 -1.83 4.54 2.44
CA ASN A 88 -2.42 4.46 1.11
C ASN A 88 -2.02 3.14 0.48
N ASN A 89 -2.84 2.12 0.73
CA ASN A 89 -2.56 0.76 0.28
C ASN A 89 -3.44 0.31 -0.88
N ALA A 90 -4.67 0.84 -0.99
CA ALA A 90 -5.55 0.44 -2.09
C ALA A 90 -4.84 0.55 -3.43
N GLY A 91 -4.94 -0.50 -4.23
CA GLY A 91 -4.27 -0.54 -5.53
C GLY A 91 -4.55 -1.87 -6.18
N HIS A 92 -4.16 -1.96 -7.45
CA HIS A 92 -4.46 -3.17 -8.22
C HIS A 92 -3.34 -3.42 -9.23
N HIS A 93 -3.05 -4.70 -9.46
CA HIS A 93 -2.18 -5.11 -10.56
C HIS A 93 -3.04 -5.82 -11.59
N PRO A 94 -3.13 -5.30 -12.81
CA PRO A 94 -3.89 -5.99 -13.86
C PRO A 94 -3.21 -7.29 -14.23
N PRO A 95 -3.89 -8.17 -14.97
CA PRO A 95 -3.21 -9.35 -15.49
C PRO A 95 -2.04 -8.93 -16.36
N PRO A 96 -1.03 -9.80 -16.49
CA PRO A 96 0.07 -9.51 -17.42
C PRO A 96 -0.46 -9.10 -18.78
N GLN A 97 0.07 -8.01 -19.32
CA GLN A 97 -0.40 -7.44 -20.58
C GLN A 97 0.79 -6.94 -21.38
N ARG A 98 0.94 -7.44 -22.61
CA ARG A 98 1.96 -6.92 -23.50
C ARG A 98 1.67 -5.44 -23.80
N PRO A 99 2.71 -4.64 -24.06
CA PRO A 99 2.47 -3.20 -24.24
C PRO A 99 1.46 -2.88 -25.33
N GLU A 100 1.49 -3.62 -26.44
CA GLU A 100 0.54 -3.35 -27.52
C GLU A 100 -0.87 -3.78 -27.16
N GLU A 101 -1.06 -4.52 -26.06
CA GLU A 101 -2.38 -4.91 -25.57
C GLU A 101 -2.94 -3.95 -24.54
N THR A 102 -2.15 -2.98 -24.09
CA THR A 102 -2.65 -1.98 -23.16
C THR A 102 -3.38 -0.89 -23.93
N SER A 103 -4.12 -0.07 -23.19
CA SER A 103 -4.78 1.09 -23.78
C SER A 103 -4.57 2.30 -22.90
N ALA A 104 -4.59 3.48 -23.53
CA ALA A 104 -4.53 4.72 -22.77
C ALA A 104 -5.68 4.80 -21.78
N GLN A 105 -6.86 4.31 -22.15
CA GLN A 105 -8.02 4.36 -21.27
C GLN A 105 -7.78 3.50 -20.03
N GLY A 106 -7.27 2.28 -20.22
CA GLY A 106 -7.00 1.43 -19.08
C GLY A 106 -5.89 1.98 -18.21
N PHE A 107 -4.88 2.58 -18.84
CA PHE A 107 -3.80 3.24 -18.13
C PHE A 107 -4.35 4.38 -17.24
N ARG A 108 -5.24 5.21 -17.80
CA ARG A 108 -5.85 6.28 -17.02
C ARG A 108 -6.60 5.74 -15.82
N GLN A 109 -7.38 4.67 -16.02
CA GLN A 109 -8.16 4.09 -14.91
C GLN A 109 -7.24 3.54 -13.82
N LEU A 110 -6.12 2.92 -14.21
CA LEU A 110 -5.19 2.41 -13.21
C LEU A 110 -4.50 3.54 -12.47
N LEU A 111 -4.18 4.62 -13.19
CA LEU A 111 -3.67 5.83 -12.53
C LEU A 111 -4.67 6.37 -11.52
N GLU A 112 -5.98 6.33 -11.84
CA GLU A 112 -6.98 6.83 -10.91
C GLU A 112 -6.91 6.11 -9.57
N LEU A 113 -6.74 4.79 -9.62
CA LEU A 113 -6.71 4.01 -8.39
C LEU A 113 -5.35 4.11 -7.72
N ASN A 114 -4.29 3.71 -8.44
CA ASN A 114 -3.00 3.51 -7.80
C ASN A 114 -2.32 4.83 -7.43
N LEU A 115 -2.59 5.91 -8.15
CA LEU A 115 -1.91 7.17 -7.93
C LEU A 115 -2.85 8.25 -7.41
N LEU A 116 -3.94 8.52 -8.13
CA LEU A 116 -4.78 9.65 -7.75
C LEU A 116 -5.57 9.38 -6.47
N GLY A 117 -5.95 8.14 -6.20
CA GLY A 117 -6.62 7.84 -4.95
C GLY A 117 -5.72 8.10 -3.75
N THR A 118 -4.44 7.76 -3.89
CA THR A 118 -3.45 8.09 -2.86
C THR A 118 -3.29 9.60 -2.72
N TYR A 119 -3.24 10.32 -3.84
CA TYR A 119 -3.15 11.77 -3.80
C TYR A 119 -4.36 12.38 -3.09
N THR A 120 -5.56 11.92 -3.42
CA THR A 120 -6.78 12.55 -2.90
C THR A 120 -6.91 12.38 -1.39
N LEU A 121 -6.75 11.15 -0.89
CA LEU A 121 -6.84 10.97 0.56
C LEU A 121 -5.76 11.75 1.28
N THR A 122 -4.54 11.73 0.74
CA THR A 122 -3.47 12.46 1.41
C THR A 122 -3.80 13.94 1.53
N LYS A 123 -4.29 14.53 0.42
CA LYS A 123 -4.63 15.95 0.43
C LYS A 123 -5.70 16.27 1.47
N LEU A 124 -6.76 15.46 1.51
CA LEU A 124 -7.84 15.71 2.45
C LEU A 124 -7.40 15.46 3.89
N ALA A 125 -6.45 14.55 4.10
CA ALA A 125 -6.01 14.23 5.45
C ALA A 125 -4.97 15.20 5.98
N LEU A 126 -4.21 15.85 5.10
CA LEU A 126 -3.07 16.66 5.55
C LEU A 126 -3.40 17.72 6.59
N PRO A 127 -4.52 18.47 6.52
CA PRO A 127 -4.78 19.45 7.58
C PRO A 127 -4.85 18.81 8.97
N TYR A 128 -5.38 17.60 9.07
CA TYR A 128 -5.44 16.90 10.35
C TYR A 128 -4.10 16.31 10.74
N LEU A 129 -3.34 15.79 9.77
CA LEU A 129 -2.00 15.30 10.05
C LEU A 129 -1.08 16.41 10.54
N ARG A 130 -1.25 17.62 10.01
CA ARG A 130 -0.45 18.74 10.53
C ARG A 130 -0.75 19.01 11.99
N LYS A 131 -2.02 18.91 12.39
CA LYS A 131 -2.36 19.18 13.80
C LYS A 131 -1.76 18.14 14.73
N SER A 132 -1.62 16.90 14.29
CA SER A 132 -1.14 15.81 15.11
C SER A 132 0.33 15.50 14.89
N GLN A 133 1.00 16.23 14.01
CA GLN A 133 2.35 15.88 13.56
C GLN A 133 2.41 14.42 13.13
N GLY A 134 1.40 14.04 12.35
CA GLY A 134 1.24 12.68 11.88
C GLY A 134 2.09 12.40 10.66
N ASN A 135 1.75 11.30 9.98
CA ASN A 135 2.60 10.88 8.86
C ASN A 135 1.78 10.14 7.82
N VAL A 136 2.34 10.06 6.62
CA VAL A 136 1.74 9.38 5.47
C VAL A 136 2.63 8.21 5.10
N ILE A 137 2.02 7.05 4.84
CA ILE A 137 2.74 5.86 4.36
C ILE A 137 2.06 5.40 3.08
N ASN A 138 2.80 5.45 1.97
CA ASN A 138 2.26 4.99 0.69
C ASN A 138 2.81 3.60 0.38
N ILE A 139 1.94 2.70 -0.07
CA ILE A 139 2.37 1.37 -0.48
C ILE A 139 2.64 1.42 -1.98
N SER A 140 3.90 1.45 -2.35
CA SER A 140 4.30 1.50 -3.74
C SER A 140 4.63 0.07 -4.22
N SER A 141 5.75 -0.18 -4.87
CA SER A 141 6.16 -1.50 -5.28
C SER A 141 7.63 -1.45 -5.69
N LEU A 142 8.33 -2.55 -5.43
CA LEU A 142 9.68 -2.71 -5.97
C LEU A 142 9.72 -2.49 -7.48
N VAL A 143 8.65 -2.87 -8.19
CA VAL A 143 8.72 -2.80 -9.66
C VAL A 143 8.67 -1.37 -10.16
N GLY A 144 8.25 -0.41 -9.33
CA GLY A 144 8.40 0.98 -9.72
C GLY A 144 9.86 1.36 -9.89
N ALA A 145 10.75 0.72 -9.13
CA ALA A 145 12.17 1.02 -9.13
C ALA A 145 12.95 0.24 -10.17
N ILE A 146 12.60 -1.04 -10.38
CA ILE A 146 13.38 -1.92 -11.25
C ILE A 146 12.63 -2.36 -12.51
N GLY A 147 11.35 -2.03 -12.65
CA GLY A 147 10.58 -2.50 -13.78
C GLY A 147 10.03 -3.89 -13.57
N GLN A 148 9.10 -4.26 -14.46
CA GLN A 148 8.49 -5.58 -14.47
C GLN A 148 8.02 -5.85 -15.90
N ALA A 149 8.08 -7.11 -16.31
CA ALA A 149 7.59 -7.46 -17.64
C ALA A 149 6.06 -7.46 -17.68
N GLN A 150 5.52 -7.13 -18.85
CA GLN A 150 4.09 -7.20 -19.14
C GLN A 150 3.26 -6.40 -18.14
N ALA A 151 3.74 -5.20 -17.83
CA ALA A 151 3.08 -4.39 -16.81
C ALA A 151 3.39 -2.90 -16.95
N VAL A 152 3.42 -2.39 -18.18
CA VAL A 152 3.77 -0.98 -18.37
C VAL A 152 2.90 -0.03 -17.56
N PRO A 153 1.56 -0.12 -17.59
CA PRO A 153 0.78 0.83 -16.78
C PRO A 153 1.02 0.67 -15.28
N TYR A 154 1.05 -0.54 -14.76
CA TYR A 154 1.25 -0.73 -13.32
C TYR A 154 2.58 -0.15 -12.87
N VAL A 155 3.66 -0.51 -13.58
CA VAL A 155 4.98 -0.01 -13.21
C VAL A 155 5.00 1.51 -13.20
N ALA A 156 4.39 2.12 -14.21
CA ALA A 156 4.34 3.59 -14.27
C ALA A 156 3.62 4.15 -13.05
N THR A 157 2.50 3.55 -12.64
CA THR A 157 1.79 4.09 -11.48
C THR A 157 2.65 4.03 -10.22
N LYS A 158 3.45 2.98 -10.05
CA LYS A 158 4.23 2.83 -8.83
C LYS A 158 5.48 3.70 -8.86
N GLY A 159 6.08 3.90 -10.03
CA GLY A 159 7.12 4.90 -10.12
C GLY A 159 6.60 6.28 -9.75
N ALA A 160 5.35 6.59 -10.14
CA ALA A 160 4.75 7.86 -9.75
C ALA A 160 4.56 7.96 -8.23
N VAL A 161 4.06 6.89 -7.61
CA VAL A 161 3.82 6.93 -6.16
C VAL A 161 5.12 7.17 -5.39
N THR A 162 6.18 6.44 -5.75
CA THR A 162 7.43 6.61 -5.04
C THR A 162 7.98 8.02 -5.20
N ALA A 163 7.93 8.55 -6.42
CA ALA A 163 8.40 9.92 -6.66
C ALA A 163 7.54 10.93 -5.90
N MET A 164 6.21 10.77 -5.99
CA MET A 164 5.30 11.69 -5.29
C MET A 164 5.58 11.70 -3.78
N THR A 165 5.92 10.54 -3.22
CA THR A 165 6.26 10.46 -1.81
C THR A 165 7.39 11.40 -1.45
N LYS A 166 8.43 11.45 -2.30
CA LYS A 166 9.57 12.32 -2.05
C LYS A 166 9.21 13.78 -2.17
N ALA A 167 8.41 14.14 -3.18
CA ALA A 167 8.00 15.53 -3.36
C ALA A 167 7.17 16.01 -2.18
N LEU A 168 6.21 15.19 -1.74
CA LEU A 168 5.35 15.57 -0.63
C LEU A 168 6.14 15.64 0.67
N ALA A 169 7.13 14.75 0.85
CA ALA A 169 8.00 14.82 2.01
C ALA A 169 8.70 16.17 2.09
N LEU A 170 9.19 16.67 0.95
CA LEU A 170 9.82 17.99 0.93
C LEU A 170 8.82 19.07 1.34
N ASP A 171 7.61 19.01 0.77
CA ASP A 171 6.64 20.07 1.01
C ASP A 171 6.13 20.08 2.44
N GLU A 172 6.00 18.91 3.07
CA GLU A 172 5.42 18.83 4.40
C GLU A 172 6.44 18.86 5.52
N SER A 173 7.73 18.74 5.20
CA SER A 173 8.77 18.82 6.22
C SER A 173 8.70 20.04 7.13
N PRO A 174 8.42 21.26 6.65
CA PRO A 174 8.35 22.41 7.57
C PRO A 174 7.21 22.30 8.57
N TYR A 175 6.24 21.42 8.32
CA TYR A 175 5.10 21.26 9.21
C TYR A 175 5.24 20.04 10.10
N GLY A 176 6.36 19.34 10.03
CA GLY A 176 6.59 18.20 10.88
C GLY A 176 5.87 16.94 10.48
N VAL A 177 5.33 16.88 9.26
CA VAL A 177 4.61 15.72 8.76
C VAL A 177 5.56 14.93 7.86
N ARG A 178 5.85 13.69 8.23
CA ARG A 178 6.72 12.83 7.46
C ARG A 178 5.89 12.07 6.43
N VAL A 179 6.51 11.81 5.27
CA VAL A 179 5.85 11.12 4.17
C VAL A 179 6.82 10.06 3.65
N ASN A 180 6.46 8.79 3.78
CA ASN A 180 7.34 7.69 3.41
C ASN A 180 6.58 6.67 2.57
N CYS A 181 7.32 5.79 1.90
CA CYS A 181 6.66 4.69 1.21
C CYS A 181 7.34 3.36 1.54
N ILE A 182 6.56 2.29 1.38
CA ILE A 182 7.05 0.93 1.44
C ILE A 182 6.93 0.36 0.05
N SER A 183 8.00 -0.26 -0.44
CA SER A 183 7.97 -0.92 -1.74
C SER A 183 8.06 -2.42 -1.51
N PRO A 184 6.94 -3.14 -1.44
CA PRO A 184 7.00 -4.59 -1.31
C PRO A 184 7.40 -5.22 -2.64
N GLY A 185 7.99 -6.40 -2.54
CA GLY A 185 8.16 -7.32 -3.64
C GLY A 185 6.98 -8.27 -3.70
N ASN A 186 7.25 -9.52 -4.06
CA ASN A 186 6.21 -10.54 -4.12
C ASN A 186 5.69 -10.84 -2.71
N ILE A 187 4.45 -10.46 -2.43
CA ILE A 187 3.78 -10.75 -1.17
C ILE A 187 2.60 -11.66 -1.48
N TRP A 188 2.48 -12.76 -0.72
CA TRP A 188 1.41 -13.72 -0.95
C TRP A 188 0.09 -13.14 -0.41
N THR A 189 -0.79 -12.73 -1.33
CA THR A 189 -2.06 -12.08 -1.04
C THR A 189 -3.13 -12.65 -1.97
N PRO A 190 -4.40 -12.32 -1.76
CA PRO A 190 -5.44 -12.81 -2.69
C PRO A 190 -5.22 -12.32 -4.11
N LEU A 191 -4.68 -11.12 -4.29
CA LEU A 191 -4.34 -10.66 -5.64
C LEU A 191 -3.33 -11.59 -6.28
N TRP A 192 -2.27 -11.95 -5.54
CA TRP A 192 -1.28 -12.86 -6.10
C TRP A 192 -1.92 -14.19 -6.49
N GLU A 193 -2.78 -14.71 -5.61
CA GLU A 193 -3.45 -15.98 -5.90
C GLU A 193 -4.37 -15.87 -7.09
N GLU A 194 -5.10 -14.75 -7.21
CA GLU A 194 -6.02 -14.57 -8.32
C GLU A 194 -5.28 -14.48 -9.66
N LEU A 195 -4.20 -13.70 -9.70
CA LEU A 195 -3.42 -13.58 -10.93
C LEU A 195 -2.78 -14.92 -11.30
N ALA A 196 -2.26 -15.65 -10.31
CA ALA A 196 -1.67 -16.95 -10.59
C ALA A 196 -2.69 -17.90 -11.20
N ALA A 197 -3.94 -17.85 -10.73
CA ALA A 197 -4.98 -18.76 -11.21
C ALA A 197 -5.29 -18.54 -12.69
N LEU A 198 -4.99 -17.36 -13.24
CA LEU A 198 -5.21 -17.06 -14.63
C LEU A 198 -4.10 -17.57 -15.54
N MET A 199 -2.97 -17.98 -14.97
CA MET A 199 -1.81 -18.38 -15.74
C MET A 199 -2.00 -19.78 -16.30
N PRO A 200 -1.28 -20.12 -17.37
CA PRO A 200 -1.34 -21.50 -17.89
C PRO A 200 -1.04 -22.55 -16.84
N ASP A 201 0.08 -22.42 -16.13
CA ASP A 201 0.45 -23.32 -15.04
C ASP A 201 0.50 -22.48 -13.78
N PRO A 202 -0.62 -22.42 -13.03
CA PRO A 202 -0.62 -21.61 -11.80
C PRO A 202 0.45 -22.01 -10.79
N ARG A 203 0.66 -23.32 -10.59
CA ARG A 203 1.67 -23.76 -9.62
C ARG A 203 3.07 -23.35 -10.06
N ALA A 204 3.36 -23.42 -11.36
CA ALA A 204 4.66 -22.99 -11.85
C ALA A 204 4.84 -21.48 -11.70
N SER A 205 3.76 -20.72 -11.90
CA SER A 205 3.83 -19.28 -11.69
C SER A 205 4.13 -18.96 -10.23
N ILE A 206 3.46 -19.65 -9.31
CA ILE A 206 3.68 -19.42 -7.89
C ILE A 206 5.11 -19.80 -7.50
N ARG A 207 5.62 -20.91 -8.05
CA ARG A 207 6.98 -21.32 -7.76
C ARG A 207 7.99 -20.29 -8.28
N GLU A 208 7.79 -19.80 -9.50
CA GLU A 208 8.67 -18.77 -10.04
C GLU A 208 8.62 -17.52 -9.19
N GLY A 209 7.44 -17.16 -8.67
CA GLY A 209 7.33 -16.01 -7.81
C GLY A 209 8.08 -16.17 -6.50
N MET A 210 8.06 -17.39 -5.92
CA MET A 210 8.82 -17.65 -4.71
C MET A 210 10.32 -17.59 -4.97
N LEU A 211 10.75 -18.12 -6.12
CA LEU A 211 12.18 -18.22 -6.40
C LEU A 211 12.79 -16.91 -6.90
N ALA A 212 11.98 -15.89 -7.14
CA ALA A 212 12.51 -14.58 -7.51
C ALA A 212 13.25 -13.92 -6.36
N GLN A 213 13.07 -14.41 -5.11
CA GLN A 213 13.71 -13.84 -3.92
C GLN A 213 14.84 -14.74 -3.47
N PRO A 214 16.01 -14.18 -3.12
CA PRO A 214 17.06 -14.99 -2.48
C PRO A 214 16.58 -15.73 -1.24
N LEU A 215 15.62 -15.17 -0.50
CA LEU A 215 15.06 -15.86 0.65
C LEU A 215 14.21 -17.07 0.27
N GLY A 216 13.86 -17.23 -1.01
CA GLY A 216 13.20 -18.44 -1.47
C GLY A 216 11.73 -18.57 -1.14
N ARG A 217 11.09 -17.49 -0.68
CA ARG A 217 9.67 -17.48 -0.38
C ARG A 217 9.13 -16.10 -0.72
N MET A 218 7.81 -16.00 -0.82
CA MET A 218 7.21 -14.68 -0.89
C MET A 218 7.05 -14.10 0.52
N GLY A 219 6.75 -12.80 0.57
CA GLY A 219 6.53 -12.13 1.84
C GLY A 219 5.10 -12.25 2.34
N GLN A 220 4.89 -11.82 3.58
CA GLN A 220 3.59 -11.88 4.21
C GLN A 220 3.05 -10.47 4.44
N PRO A 221 1.73 -10.31 4.39
CA PRO A 221 1.13 -9.03 4.79
C PRO A 221 1.58 -8.55 6.16
N ALA A 222 1.77 -9.46 7.12
CA ALA A 222 2.25 -9.08 8.45
C ALA A 222 3.61 -8.41 8.39
N GLU A 223 4.46 -8.82 7.44
CA GLU A 223 5.78 -8.22 7.33
C GLU A 223 5.69 -6.80 6.79
N VAL A 224 4.80 -6.55 5.82
CA VAL A 224 4.58 -5.18 5.38
C VAL A 224 3.97 -4.37 6.52
N GLY A 225 3.07 -4.97 7.29
CA GLY A 225 2.47 -4.26 8.41
C GLY A 225 3.48 -3.83 9.45
N ALA A 226 4.45 -4.70 9.76
CA ALA A 226 5.48 -4.33 10.73
C ALA A 226 6.32 -3.16 10.23
N ALA A 227 6.63 -3.14 8.93
CA ALA A 227 7.36 -2.01 8.36
C ALA A 227 6.55 -0.73 8.47
N ALA A 228 5.22 -0.83 8.28
CA ALA A 228 4.37 0.35 8.38
C ALA A 228 4.34 0.89 9.80
N VAL A 229 4.21 -0.01 10.80
CA VAL A 229 4.20 0.43 12.19
C VAL A 229 5.53 1.08 12.55
N PHE A 230 6.65 0.54 12.04
CA PHE A 230 7.94 1.18 12.27
C PHE A 230 7.96 2.60 11.71
N LEU A 231 7.53 2.77 10.47
CA LEU A 231 7.55 4.09 9.85
C LEU A 231 6.68 5.08 10.61
N ALA A 232 5.52 4.62 11.10
CA ALA A 232 4.62 5.52 11.81
C ALA A 232 5.17 5.89 13.19
N SER A 233 5.67 4.90 13.93
CA SER A 233 5.84 5.05 15.36
C SER A 233 7.28 5.29 15.82
N GLU A 234 8.28 4.88 15.03
CA GLU A 234 9.66 4.86 15.51
C GLU A 234 10.65 5.38 14.49
N ALA A 235 10.20 6.05 13.43
CA ALA A 235 11.12 6.51 12.39
C ALA A 235 11.07 8.02 12.28
N ASN A 236 11.27 8.72 13.40
CA ASN A 236 11.01 10.15 13.44
C ASN A 236 12.00 10.98 12.63
N PHE A 237 13.13 10.41 12.23
CA PHE A 237 14.09 11.09 11.36
C PHE A 237 14.03 10.57 9.93
N CYS A 238 13.02 9.77 9.59
CA CYS A 238 12.85 9.25 8.24
C CYS A 238 11.74 10.01 7.54
N THR A 239 12.06 10.66 6.44
CA THR A 239 11.03 11.21 5.57
C THR A 239 11.49 11.09 4.12
N GLY A 240 10.54 10.77 3.24
CA GLY A 240 10.86 10.57 1.84
C GLY A 240 11.63 9.31 1.53
N ILE A 241 11.63 8.31 2.43
CA ILE A 241 12.36 7.08 2.16
C ILE A 241 11.46 6.08 1.46
N GLU A 242 12.11 5.13 0.79
CA GLU A 242 11.47 3.98 0.15
C GLU A 242 11.98 2.75 0.87
N LEU A 243 11.14 2.14 1.70
CA LEU A 243 11.53 1.01 2.53
C LEU A 243 11.22 -0.28 1.77
N LEU A 244 12.26 -1.02 1.39
CA LEU A 244 12.09 -2.20 0.56
C LEU A 244 11.74 -3.41 1.42
N VAL A 245 10.63 -4.07 1.08
CA VAL A 245 10.21 -5.30 1.75
C VAL A 245 10.05 -6.36 0.67
N THR A 246 11.18 -6.91 0.21
CA THR A 246 11.25 -7.63 -1.05
C THR A 246 11.94 -8.98 -0.97
N GLY A 247 12.48 -9.37 0.18
CA GLY A 247 13.19 -10.63 0.26
C GLY A 247 14.49 -10.67 -0.53
N GLY A 248 15.02 -9.51 -0.93
CA GLY A 248 16.24 -9.46 -1.69
C GLY A 248 16.09 -9.60 -3.20
N ALA A 249 14.86 -9.51 -3.72
CA ALA A 249 14.64 -9.77 -5.14
C ALA A 249 15.45 -8.86 -6.06
N GLU A 250 15.80 -7.66 -5.58
CA GLU A 250 16.53 -6.69 -6.39
C GLU A 250 18.02 -6.95 -6.43
N LEU A 251 18.52 -7.92 -5.67
CA LEU A 251 19.95 -8.14 -5.52
C LEU A 251 20.45 -9.17 -6.53
N GLY A 252 21.65 -8.92 -7.05
CA GLY A 252 22.38 -9.92 -7.80
C GLY A 252 21.82 -10.16 -9.19
N TYR A 253 22.48 -11.08 -9.89
CA TYR A 253 22.09 -11.49 -11.23
C TYR A 253 21.06 -12.61 -11.16
N GLY A 254 20.17 -12.64 -12.16
CA GLY A 254 19.16 -13.67 -12.24
C GLY A 254 18.89 -14.06 -13.68
N CYS A 255 17.86 -14.88 -13.90
CA CYS A 255 17.46 -15.27 -15.26
C CYS A 255 16.52 -14.21 -15.81
N LYS A 256 17.00 -13.44 -16.78
CA LYS A 256 16.19 -12.36 -17.34
C LYS A 256 15.90 -12.58 -18.83
N ASP A 264 25.52 -18.80 -31.19
CA ASP A 264 26.35 -17.76 -31.78
C ASP A 264 27.49 -17.37 -30.83
N ALA A 265 27.99 -16.15 -30.99
CA ALA A 265 29.02 -15.64 -30.10
C ALA A 265 28.37 -15.15 -28.80
N PRO A 266 29.08 -15.24 -27.68
CA PRO A 266 28.45 -14.86 -26.40
C PRO A 266 28.08 -13.40 -26.32
N ASP A 267 28.71 -12.54 -27.12
CA ASP A 267 28.51 -11.09 -27.04
C ASP A 267 27.84 -10.51 -28.28
N ILE A 268 27.08 -11.33 -29.02
CA ILE A 268 26.33 -10.85 -30.17
C ILE A 268 25.00 -11.55 -30.32
C2 BGC B . -3.64 -14.13 3.77
C3 BGC B . -3.35 -15.59 3.66
C4 BGC B . -3.57 -16.16 2.33
C5 BGC B . -2.97 -15.28 1.20
C6 BGC B . -3.33 -15.83 -0.26
C1 BGC B . -3.08 -13.31 2.57
O1 BGC B . -3.57 -11.99 2.63
O2 BGC B . -3.11 -13.60 4.98
O3 BGC B . -4.15 -16.29 4.62
O4 BGC B . -2.97 -17.48 2.26
O5 BGC B . -3.49 -13.91 1.32
O6 BGC B . -4.72 -15.65 -0.47
PA NAD C . -5.43 -7.25 -2.91
O1A NAD C . -5.33 -8.60 -2.29
O2A NAD C . -6.18 -7.18 -4.23
O5B NAD C . -6.10 -6.28 -1.86
C5B NAD C . -6.40 -4.93 -2.29
C4B NAD C . -7.53 -4.39 -1.45
O4B NAD C . -7.80 -3.03 -1.88
C3B NAD C . -8.85 -5.16 -1.57
O3B NAD C . -9.50 -5.36 -0.31
C2B NAD C . -9.66 -4.28 -2.53
O2B NAD C . -11.07 -4.42 -2.42
C1B NAD C . -9.19 -2.90 -2.11
N9A NAD C . -9.40 -1.87 -3.12
C8A NAD C . -9.21 -1.96 -4.47
N7A NAD C . -9.60 -0.91 -5.14
C5A NAD C . -10.08 -0.06 -4.16
C6A NAD C . -10.68 1.23 -4.22
N6A NAD C . -10.95 1.87 -5.37
N1A NAD C . -11.03 1.80 -3.06
C2A NAD C . -10.83 1.14 -1.93
N3A NAD C . -10.30 -0.07 -1.73
C4A NAD C . -9.95 -0.62 -2.90
O3 NAD C . -3.99 -6.62 -3.18
PN NAD C . -2.60 -6.71 -2.40
O1N NAD C . -2.86 -6.77 -0.95
O2N NAD C . -1.75 -7.73 -3.05
O5D NAD C . -1.96 -5.29 -2.77
C5D NAD C . -2.20 -4.16 -1.91
C4D NAD C . -1.26 -3.07 -2.35
O4D NAD C . 0.10 -3.55 -2.31
C3D NAD C . -1.48 -2.53 -3.76
O3D NAD C . -1.21 -1.11 -3.80
C2D NAD C . -0.42 -3.26 -4.57
O2D NAD C . -0.07 -2.54 -5.76
C1D NAD C . 0.70 -3.30 -3.56
N1N NAD C . 1.75 -4.37 -3.81
C2N NAD C . 1.39 -5.66 -3.78
C3N NAD C . 2.32 -6.65 -4.02
C7N NAD C . 2.06 -8.13 -3.96
O7N NAD C . 2.94 -8.91 -4.31
N7N NAD C . 0.85 -8.54 -3.55
C4N NAD C . 3.64 -6.27 -4.27
C5N NAD C . 3.99 -4.94 -4.26
C6N NAD C . 3.02 -3.99 -4.04
NA NA D . -14.01 -3.56 15.82
F F45 E . 6.21 -6.17 -6.96
C13 F45 E . 5.08 -6.80 -7.37
C12 F45 E . 5.13 -8.14 -7.66
C11 F45 E . 3.95 -8.78 -8.02
C14 F45 E . 3.91 -6.06 -7.43
O2 F45 E . 3.89 -4.73 -7.16
C15 F45 E . 2.74 -6.71 -7.79
C10 F45 E . 2.75 -8.06 -8.09
C9 F45 E . 1.49 -8.76 -8.46
O1 F45 E . 0.41 -8.28 -8.13
C8 F45 E . 1.56 -10.05 -9.23
C7 F45 E . 0.96 -11.20 -8.74
C6 F45 E . 1.03 -12.35 -9.50
C5 F45 E . 1.70 -12.32 -10.72
N F45 E . 2.21 -10.00 -10.40
C4 F45 E . 2.28 -11.13 -11.14
C3 F45 E . 2.93 -11.00 -12.46
C2 F45 E . 3.56 -12.07 -13.07
C1 F45 E . 4.12 -11.96 -14.33
C16 F45 E . 2.89 -9.78 -13.15
C17 F45 E . 3.44 -9.65 -14.42
O3 F45 E . 3.37 -8.49 -15.09
C F45 E . 4.05 -10.76 -15.02
O F45 E . 4.55 -10.61 -16.27
#